data_9VOG
#
_entry.id   9VOG
#
_cell.length_a   154.680
_cell.length_b   42.360
_cell.length_c   42.220
_cell.angle_alpha   90.000
_cell.angle_beta   96.157
_cell.angle_gamma   90.000
#
_symmetry.space_group_name_H-M   'C 1 2 1'
#
loop_
_entity.id
_entity.type
_entity.pdbx_description
1 polymer 'Vitamin D3 receptor'
2 polymer 'Mediator of RNA polymerase II transcription subunit 1'
3 non-polymer '(S)-5-[4-{7-(4-(1,1,1,3,3,3-hexafluoro-2-hydroxypropan-2-yl)phenyl)-1,7-dicarba-closo-dodecaboran-1-yl}phenoxy]-4-hydroxypentanoic acid'
4 water water
#
loop_
_entity_poly.entity_id
_entity_poly.type
_entity_poly.pdbx_seq_one_letter_code
_entity_poly.pdbx_strand_id
1 'polypeptide(L)'
;GSHMGSPNSPLKDSLRPKLSEEQQHIIAILLDAHHKTYDPTYADFRDFRPPVRMDGSTGSVTLDLSPLSMLPHLADLVSY
SIQKVIGFAKMIPGFRDLTSDDQIVLLKSSAIEVIMLRSNQSFTMDDMSWDCGSQDYKYDVTDVSKAGHTLELIEPLIKF
QVGLKKLNLHEEEHVLLMAICIVSPDRPGVQDAKLVEAIQDRLSNTLQTYIRCRHPPPGSHQLYAKMIQKLADLRSLNEE
HSKQYRSLSFQPENSMKLTPLVLEVFGNEIS
;
A
2 'polypeptide(L)' KNHPMLMNLLKDN C
#
# COMPACT_ATOMS: atom_id res chain seq x y z
N LYS A 18 -4.40 5.39 28.06
CA LYS A 18 -3.07 4.95 28.42
C LYS A 18 -2.66 3.83 27.46
N LEU A 19 -1.48 3.92 26.86
CA LEU A 19 -1.00 2.90 25.93
C LEU A 19 -0.55 1.68 26.73
N SER A 20 -1.26 0.56 26.56
CA SER A 20 -0.92 -0.63 27.34
C SER A 20 0.41 -1.24 26.86
N GLU A 21 0.95 -2.15 27.66
CA GLU A 21 2.20 -2.87 27.31
C GLU A 21 1.97 -3.58 25.97
N GLU A 22 0.82 -4.23 25.82
CA GLU A 22 0.50 -4.90 24.58
C GLU A 22 0.47 -3.92 23.40
N GLN A 23 -0.07 -2.71 23.62
CA GLN A 23 -0.18 -1.78 22.51
C GLN A 23 1.20 -1.24 22.11
N GLN A 24 2.07 -1.00 23.10
CA GLN A 24 3.43 -0.58 22.81
C GLN A 24 4.18 -1.68 22.08
N HIS A 25 3.91 -2.94 22.41
CA HIS A 25 4.55 -4.06 21.72
C HIS A 25 4.12 -4.13 20.27
N ILE A 26 2.82 -3.95 20.01
CA ILE A 26 2.29 -3.95 18.66
C ILE A 26 3.01 -2.88 17.83
N ILE A 27 3.10 -1.66 18.38
CA ILE A 27 3.76 -0.58 17.65
C ILE A 27 5.21 -0.94 17.33
N ALA A 28 5.91 -1.52 18.31
CA ALA A 28 7.32 -1.86 18.10
C ALA A 28 7.46 -2.93 17.02
N ILE A 29 6.55 -3.91 16.98
CA ILE A 29 6.60 -4.94 15.93
C ILE A 29 6.39 -4.30 14.56
N LEU A 30 5.41 -3.39 14.44
CA LEU A 30 5.09 -2.86 13.11
C LEU A 30 6.18 -1.92 12.61
N LEU A 31 6.80 -1.15 13.52
CA LEU A 31 7.92 -0.30 13.13
C LEU A 31 9.09 -1.14 12.64
N ASP A 32 9.40 -2.23 13.35
CA ASP A 32 10.43 -3.15 12.90
C ASP A 32 10.07 -3.76 11.56
N ALA A 33 8.81 -4.19 11.40
CA ALA A 33 8.40 -4.78 10.13
C ALA A 33 8.62 -3.82 8.98
N HIS A 34 8.21 -2.54 9.16
CA HIS A 34 8.44 -1.56 8.10
C HIS A 34 9.94 -1.38 7.80
N HIS A 35 10.74 -1.28 8.86
N HIS A 35 10.75 -1.33 8.84
CA HIS A 35 12.18 -1.18 8.68
CA HIS A 35 12.18 -1.14 8.58
C HIS A 35 12.72 -2.30 7.80
C HIS A 35 12.81 -2.34 7.89
N LYS A 36 12.23 -3.52 8.02
CA LYS A 36 12.72 -4.71 7.33
C LYS A 36 12.21 -4.82 5.91
N THR A 37 11.21 -4.01 5.53
CA THR A 37 10.60 -4.14 4.21
C THR A 37 10.61 -2.85 3.40
N TYR A 38 11.24 -1.77 3.89
CA TYR A 38 11.33 -0.51 3.16
C TYR A 38 12.79 -0.07 3.12
N ASP A 39 13.35 0.05 1.91
CA ASP A 39 14.76 0.39 1.74
C ASP A 39 14.86 1.83 1.26
N PRO A 40 15.12 2.79 2.15
CA PRO A 40 15.16 4.19 1.75
C PRO A 40 16.36 4.55 0.91
N THR A 41 17.24 3.59 0.58
CA THR A 41 18.28 3.85 -0.39
C THR A 41 17.86 3.56 -1.83
N TYR A 42 16.77 2.80 -2.03
CA TYR A 42 16.27 2.47 -3.36
C TYR A 42 17.30 1.72 -4.22
N ALA A 43 18.19 0.96 -3.57
CA ALA A 43 19.29 0.30 -4.27
C ALA A 43 18.80 -0.71 -5.30
N ASP A 44 17.68 -1.39 -5.03
CA ASP A 44 17.23 -2.48 -5.90
C ASP A 44 16.64 -1.99 -7.21
N PHE A 45 16.37 -0.68 -7.34
CA PHE A 45 15.74 -0.17 -8.55
C PHE A 45 16.57 -0.43 -9.81
N ARG A 46 17.89 -0.62 -9.68
CA ARG A 46 18.75 -0.95 -10.80
C ARG A 46 18.34 -2.27 -11.47
N ASP A 47 17.67 -3.14 -10.73
CA ASP A 47 17.28 -4.45 -11.22
C ASP A 47 16.08 -4.41 -12.15
N PHE A 48 15.29 -3.34 -12.11
CA PHE A 48 14.08 -3.30 -12.91
C PHE A 48 14.41 -2.99 -14.37
N ARG A 49 13.49 -3.37 -15.24
CA ARG A 49 13.59 -2.94 -16.63
C ARG A 49 13.63 -1.42 -16.69
N PRO A 50 14.41 -0.83 -17.60
CA PRO A 50 14.75 0.59 -17.46
C PRO A 50 13.57 1.49 -17.75
N PRO A 51 13.45 2.61 -17.05
CA PRO A 51 12.44 3.59 -17.42
C PRO A 51 12.81 4.23 -18.75
N VAL A 52 11.78 4.51 -19.55
CA VAL A 52 11.95 5.22 -20.81
C VAL A 52 10.99 6.40 -20.80
N ARG A 53 11.53 7.60 -20.95
CA ARG A 53 10.67 8.80 -20.88
C ARG A 53 10.60 9.51 -22.24
N SER A 66 1.09 6.09 -29.43
CA SER A 66 0.67 6.11 -28.04
C SER A 66 1.41 5.04 -27.19
N PRO A 67 2.75 5.10 -27.17
CA PRO A 67 3.50 4.02 -26.52
C PRO A 67 3.57 4.17 -25.00
N LEU A 68 3.34 3.07 -24.32
CA LEU A 68 3.40 3.01 -22.85
C LEU A 68 4.84 2.75 -22.39
N SER A 69 5.69 3.75 -22.61
CA SER A 69 7.13 3.57 -22.45
C SER A 69 7.54 3.26 -21.02
N MET A 70 6.74 3.70 -20.04
CA MET A 70 7.06 3.46 -18.64
C MET A 70 6.43 2.20 -18.07
N LEU A 71 5.65 1.47 -18.86
CA LEU A 71 5.02 0.25 -18.34
C LEU A 71 6.01 -0.81 -17.86
N PRO A 72 7.04 -1.18 -18.62
CA PRO A 72 7.97 -2.20 -18.06
C PRO A 72 8.57 -1.83 -16.72
N HIS A 73 9.08 -0.60 -16.59
CA HIS A 73 9.70 -0.15 -15.35
C HIS A 73 8.71 -0.13 -14.20
N LEU A 74 7.54 0.50 -14.41
CA LEU A 74 6.61 0.67 -13.31
C LEU A 74 5.93 -0.65 -12.94
N ALA A 75 5.76 -1.57 -13.89
CA ALA A 75 5.28 -2.90 -13.54
C ALA A 75 6.31 -3.63 -12.68
N ASP A 76 7.58 -3.54 -13.05
CA ASP A 76 8.64 -4.13 -12.22
C ASP A 76 8.64 -3.51 -10.83
N LEU A 77 8.45 -2.17 -10.74
CA LEU A 77 8.43 -1.50 -9.44
C LEU A 77 7.25 -1.97 -8.59
N VAL A 78 6.06 -2.07 -9.21
CA VAL A 78 4.90 -2.57 -8.48
C VAL A 78 5.11 -4.01 -8.05
N SER A 79 5.68 -4.84 -8.93
CA SER A 79 5.91 -6.24 -8.58
C SER A 79 6.84 -6.37 -7.36
N TYR A 80 7.91 -5.59 -7.36
CA TYR A 80 8.82 -5.52 -6.23
C TYR A 80 8.09 -5.08 -4.97
N SER A 81 7.22 -4.07 -5.12
CA SER A 81 6.50 -3.52 -3.96
C SER A 81 5.51 -4.52 -3.38
N ILE A 82 4.88 -5.31 -4.25
CA ILE A 82 3.97 -6.36 -3.77
C ILE A 82 4.74 -7.28 -2.81
N GLN A 83 5.93 -7.73 -3.24
CA GLN A 83 6.74 -8.59 -2.37
C GLN A 83 7.04 -7.92 -1.04
N LYS A 84 7.26 -6.58 -1.05
CA LYS A 84 7.53 -5.92 0.23
C LYS A 84 6.27 -5.87 1.10
N VAL A 85 5.11 -5.59 0.50
CA VAL A 85 3.85 -5.55 1.25
C VAL A 85 3.53 -6.92 1.86
N ILE A 86 3.82 -8.02 1.14
CA ILE A 86 3.56 -9.34 1.73
C ILE A 86 4.46 -9.57 2.94
N GLY A 87 5.71 -9.11 2.85
CA GLY A 87 6.64 -9.27 3.94
C GLY A 87 6.22 -8.51 5.17
N PHE A 88 5.69 -7.31 4.96
CA PHE A 88 5.15 -6.52 6.07
C PHE A 88 3.92 -7.19 6.68
N ALA A 89 2.97 -7.58 5.83
CA ALA A 89 1.75 -8.22 6.30
C ALA A 89 2.01 -9.43 7.18
N LYS A 90 2.97 -10.27 6.79
CA LYS A 90 3.28 -11.48 7.57
C LYS A 90 3.69 -11.16 8.99
N MET A 91 4.18 -9.95 9.27
CA MET A 91 4.59 -9.56 10.61
C MET A 91 3.50 -8.83 11.38
N ILE A 92 2.33 -8.61 10.80
CA ILE A 92 1.26 -7.93 11.57
C ILE A 92 0.74 -8.87 12.65
N PRO A 93 0.65 -8.45 13.92
CA PRO A 93 0.22 -9.39 14.96
C PRO A 93 -1.16 -9.95 14.63
N GLY A 94 -1.25 -11.28 14.55
CA GLY A 94 -2.49 -11.97 14.26
C GLY A 94 -2.69 -12.36 12.81
N PHE A 95 -1.98 -11.73 11.86
CA PHE A 95 -2.19 -12.04 10.45
C PHE A 95 -1.95 -13.53 10.16
N ARG A 96 -0.90 -14.10 10.75
N ARG A 96 -0.91 -14.11 10.75
CA ARG A 96 -0.60 -15.51 10.51
CA ARG A 96 -0.59 -15.50 10.52
C ARG A 96 -1.64 -16.46 11.09
C ARG A 96 -1.60 -16.47 11.13
N ASP A 97 -2.53 -15.99 11.96
CA ASP A 97 -3.57 -16.85 12.49
C ASP A 97 -4.73 -17.05 11.51
N LEU A 98 -4.81 -16.22 10.46
CA LEU A 98 -5.82 -16.38 9.45
C LEU A 98 -5.53 -17.59 8.57
N THR A 99 -6.57 -18.09 7.91
CA THR A 99 -6.40 -19.11 6.88
C THR A 99 -5.63 -18.56 5.68
N SER A 100 -4.97 -19.48 4.96
CA SER A 100 -4.26 -19.10 3.75
C SER A 100 -5.19 -18.40 2.78
N ASP A 101 -6.41 -18.92 2.61
CA ASP A 101 -7.41 -18.28 1.76
C ASP A 101 -7.65 -16.84 2.17
N ASP A 102 -7.83 -16.61 3.47
CA ASP A 102 -8.13 -15.24 3.95
C ASP A 102 -6.90 -14.35 3.83
N GLN A 103 -5.70 -14.87 4.11
CA GLN A 103 -4.51 -14.04 3.90
C GLN A 103 -4.39 -13.63 2.45
N ILE A 104 -4.71 -14.54 1.52
CA ILE A 104 -4.64 -14.24 0.10
C ILE A 104 -5.66 -13.17 -0.28
N VAL A 105 -6.91 -13.33 0.15
N VAL A 105 -6.92 -13.34 0.13
CA VAL A 105 -7.93 -12.35 -0.23
CA VAL A 105 -7.94 -12.35 -0.19
C VAL A 105 -7.60 -10.98 0.36
C VAL A 105 -7.51 -10.98 0.32
N LEU A 106 -6.98 -10.94 1.54
CA LEU A 106 -6.62 -9.65 2.14
C LEU A 106 -5.47 -8.99 1.41
N LEU A 107 -4.46 -9.78 1.00
CA LEU A 107 -3.33 -9.18 0.29
C LEU A 107 -3.73 -8.77 -1.13
N LYS A 108 -4.54 -9.58 -1.82
CA LYS A 108 -4.89 -9.24 -3.20
C LYS A 108 -5.73 -7.96 -3.22
N SER A 109 -6.63 -7.83 -2.23
CA SER A 109 -7.53 -6.67 -2.23
C SER A 109 -6.85 -5.41 -1.69
N SER A 110 -5.84 -5.53 -0.81
CA SER A 110 -5.16 -4.36 -0.28
C SER A 110 -3.89 -3.95 -1.01
N ALA A 111 -3.31 -4.82 -1.86
CA ALA A 111 -1.97 -4.52 -2.34
C ALA A 111 -1.83 -3.13 -2.94
N ILE A 112 -2.72 -2.75 -3.86
CA ILE A 112 -2.49 -1.45 -4.50
C ILE A 112 -2.69 -0.30 -3.49
N GLU A 113 -3.56 -0.51 -2.49
CA GLU A 113 -3.81 0.52 -1.48
C GLU A 113 -2.59 0.69 -0.57
N VAL A 114 -1.97 -0.44 -0.17
CA VAL A 114 -0.78 -0.29 0.67
C VAL A 114 0.36 0.26 -0.12
N ILE A 115 0.47 -0.11 -1.42
CA ILE A 115 1.54 0.49 -2.23
C ILE A 115 1.33 2.01 -2.35
N MET A 116 0.09 2.45 -2.57
CA MET A 116 -0.18 3.88 -2.60
C MET A 116 0.16 4.54 -1.26
N LEU A 117 -0.19 3.91 -0.14
CA LEU A 117 0.17 4.46 1.16
C LEU A 117 1.68 4.51 1.36
N ARG A 118 2.37 3.38 1.12
CA ARG A 118 3.77 3.38 1.45
C ARG A 118 4.56 4.25 0.51
N SER A 119 4.04 4.45 -0.72
CA SER A 119 4.70 5.38 -1.64
C SER A 119 4.71 6.82 -1.14
N ASN A 120 3.87 7.17 -0.15
CA ASN A 120 3.82 8.55 0.36
C ASN A 120 5.14 8.97 0.97
N GLN A 121 5.94 8.00 1.44
CA GLN A 121 7.25 8.31 1.99
C GLN A 121 8.16 8.94 0.95
N SER A 122 8.13 8.45 -0.30
CA SER A 122 8.92 9.06 -1.37
C SER A 122 8.23 10.24 -2.06
N PHE A 123 6.93 10.45 -1.84
CA PHE A 123 6.23 11.56 -2.44
C PHE A 123 6.73 12.90 -1.86
N THR A 124 6.89 13.88 -2.73
CA THR A 124 7.24 15.21 -2.27
C THR A 124 6.26 16.23 -2.83
N MET A 125 5.78 17.13 -1.97
CA MET A 125 4.93 18.22 -2.42
C MET A 125 5.71 19.33 -3.10
N ASP A 126 7.04 19.25 -3.15
CA ASP A 126 7.82 20.27 -3.85
C ASP A 126 7.42 20.31 -5.32
N ASP A 127 7.35 19.14 -5.96
CA ASP A 127 6.88 19.10 -7.33
C ASP A 127 5.93 17.93 -7.57
N MET A 128 5.26 17.44 -6.52
CA MET A 128 4.17 16.48 -6.66
C MET A 128 4.63 15.23 -7.43
N SER A 129 5.78 14.71 -7.04
N SER A 129 5.78 14.71 -7.04
CA SER A 129 6.36 13.53 -7.68
CA SER A 129 6.34 13.52 -7.65
C SER A 129 6.76 12.55 -6.59
C SER A 129 6.69 12.53 -6.57
N TRP A 130 6.96 11.29 -7.01
CA TRP A 130 7.48 10.27 -6.12
C TRP A 130 8.97 10.20 -6.42
N ASP A 131 9.79 10.63 -5.47
CA ASP A 131 11.22 10.82 -5.70
C ASP A 131 11.96 9.68 -5.01
N CYS A 132 12.38 8.69 -5.80
CA CYS A 132 13.06 7.51 -5.26
C CYS A 132 14.59 7.60 -5.38
N GLY A 133 15.16 8.74 -4.97
CA GLY A 133 16.60 8.87 -4.79
C GLY A 133 17.37 9.43 -5.97
N SER A 134 16.78 9.47 -7.16
CA SER A 134 17.52 9.71 -8.38
C SER A 134 16.56 10.22 -9.45
N GLN A 135 17.09 10.97 -10.41
CA GLN A 135 16.24 11.53 -11.46
C GLN A 135 15.58 10.43 -12.30
N ASP A 136 16.33 9.38 -12.65
CA ASP A 136 15.74 8.27 -13.40
C ASP A 136 14.56 7.66 -12.64
N TYR A 137 14.67 7.59 -11.31
CA TYR A 137 13.65 6.98 -10.46
C TYR A 137 12.82 8.03 -9.73
N LYS A 138 12.58 9.16 -10.36
CA LYS A 138 11.67 10.18 -9.84
C LYS A 138 10.47 10.20 -10.80
N TYR A 139 9.28 9.90 -10.30
CA TYR A 139 8.10 9.68 -11.11
C TYR A 139 7.09 10.79 -10.90
N ASP A 140 6.65 11.40 -12.01
CA ASP A 140 5.62 12.43 -12.00
C ASP A 140 4.35 11.95 -12.68
N VAL A 141 3.37 12.86 -12.81
CA VAL A 141 2.08 12.46 -13.38
C VAL A 141 2.24 11.99 -14.81
N THR A 142 3.20 12.57 -15.55
CA THR A 142 3.44 12.14 -16.93
C THR A 142 3.93 10.71 -16.97
N ASP A 143 4.85 10.34 -16.06
CA ASP A 143 5.36 8.97 -16.06
C ASP A 143 4.24 7.98 -15.78
N VAL A 144 3.32 8.33 -14.87
CA VAL A 144 2.26 7.39 -14.54
C VAL A 144 1.33 7.22 -15.73
N SER A 145 1.06 8.29 -16.46
CA SER A 145 0.25 8.17 -17.66
C SER A 145 0.94 7.31 -18.72
N LYS A 146 2.27 7.30 -18.76
CA LYS A 146 3.05 6.49 -19.70
C LYS A 146 3.18 5.04 -19.26
N ALA A 147 2.56 4.66 -18.16
CA ALA A 147 2.34 3.25 -17.86
C ALA A 147 0.92 2.82 -18.19
N GLY A 148 0.08 3.75 -18.65
CA GLY A 148 -1.23 3.40 -19.14
C GLY A 148 -2.37 3.92 -18.30
N HIS A 149 -2.09 4.65 -17.23
CA HIS A 149 -3.18 5.15 -16.41
C HIS A 149 -3.59 6.55 -16.83
N THR A 150 -4.82 6.93 -16.48
CA THR A 150 -5.45 8.16 -16.93
C THR A 150 -5.71 9.09 -15.75
N LEU A 151 -6.09 10.36 -16.06
CA LEU A 151 -6.40 11.35 -15.02
C LEU A 151 -7.48 10.88 -14.05
N GLU A 152 -8.38 10.01 -14.49
CA GLU A 152 -9.45 9.52 -13.57
C GLU A 152 -8.83 8.90 -12.32
N LEU A 153 -7.70 8.20 -12.49
CA LEU A 153 -6.94 7.71 -11.35
C LEU A 153 -5.94 8.74 -10.84
N ILE A 154 -5.22 9.39 -11.74
CA ILE A 154 -4.03 10.15 -11.33
C ILE A 154 -4.40 11.42 -10.54
N GLU A 155 -5.45 12.14 -10.96
N GLU A 155 -5.45 12.14 -10.96
CA GLU A 155 -5.86 13.34 -10.23
CA GLU A 155 -5.85 13.35 -10.23
C GLU A 155 -6.24 13.03 -8.78
C GLU A 155 -6.23 13.02 -8.78
N PRO A 156 -7.17 12.12 -8.50
CA PRO A 156 -7.44 11.80 -7.09
C PRO A 156 -6.25 11.14 -6.38
N LEU A 157 -5.38 10.43 -7.10
CA LEU A 157 -4.19 9.88 -6.46
C LEU A 157 -3.27 10.98 -5.94
N ILE A 158 -3.04 12.02 -6.75
CA ILE A 158 -2.25 13.15 -6.26
C ILE A 158 -2.93 13.84 -5.08
N LYS A 159 -4.25 14.01 -5.16
CA LYS A 159 -4.94 14.65 -4.05
C LYS A 159 -4.83 13.82 -2.78
N PHE A 160 -4.83 12.49 -2.93
CA PHE A 160 -4.65 11.64 -1.77
C PHE A 160 -3.24 11.81 -1.20
N GLN A 161 -2.21 11.74 -2.07
CA GLN A 161 -0.82 11.90 -1.60
C GLN A 161 -0.64 13.22 -0.87
N VAL A 162 -1.24 14.29 -1.39
CA VAL A 162 -1.09 15.61 -0.76
C VAL A 162 -1.79 15.64 0.59
N GLY A 163 -3.01 15.09 0.65
CA GLY A 163 -3.74 15.10 1.92
C GLY A 163 -3.11 14.22 2.98
N LEU A 164 -2.53 13.08 2.55
CA LEU A 164 -1.86 12.22 3.50
C LEU A 164 -0.57 12.87 3.99
N LYS A 165 0.19 13.46 3.05
CA LYS A 165 1.44 14.12 3.43
C LYS A 165 1.19 15.24 4.45
N LYS A 166 0.08 15.98 4.29
CA LYS A 166 -0.29 17.07 5.18
C LYS A 166 -0.70 16.61 6.57
N LEU A 167 -1.02 15.32 6.77
CA LEU A 167 -1.31 14.86 8.12
C LEU A 167 -0.04 14.78 8.96
N ASN A 168 1.12 14.79 8.29
N ASN A 168 1.12 14.77 8.29
CA ASN A 168 2.44 14.67 8.95
CA ASN A 168 2.41 14.71 8.98
C ASN A 168 2.42 13.59 10.02
C ASN A 168 2.42 13.59 10.02
N LEU A 169 2.04 12.39 9.58
CA LEU A 169 1.90 11.27 10.50
C LEU A 169 3.24 10.93 11.13
N HIS A 170 3.18 10.58 12.41
CA HIS A 170 4.30 9.89 13.02
C HIS A 170 4.51 8.55 12.33
N GLU A 171 5.75 8.09 12.29
CA GLU A 171 5.98 6.78 11.68
C GLU A 171 5.10 5.69 12.32
N GLU A 172 4.89 5.78 13.63
CA GLU A 172 4.01 4.84 14.32
C GLU A 172 2.61 4.81 13.71
N GLU A 173 2.04 6.00 13.42
CA GLU A 173 0.70 6.07 12.82
C GLU A 173 0.69 5.55 11.39
N HIS A 174 1.74 5.85 10.63
CA HIS A 174 1.89 5.37 9.26
C HIS A 174 1.88 3.84 9.19
N VAL A 175 2.62 3.17 10.09
CA VAL A 175 2.69 1.70 10.00
C VAL A 175 1.40 1.10 10.54
N LEU A 176 0.76 1.77 11.53
CA LEU A 176 -0.53 1.24 11.96
C LEU A 176 -1.56 1.35 10.86
N LEU A 177 -1.54 2.46 10.11
CA LEU A 177 -2.55 2.64 9.07
C LEU A 177 -2.37 1.60 7.97
N MET A 178 -1.13 1.29 7.63
CA MET A 178 -0.89 0.25 6.63
C MET A 178 -1.41 -1.10 7.12
N ALA A 179 -1.16 -1.41 8.40
CA ALA A 179 -1.64 -2.67 8.96
C ALA A 179 -3.16 -2.74 9.01
N ILE A 180 -3.81 -1.65 9.43
CA ILE A 180 -5.28 -1.62 9.47
C ILE A 180 -5.86 -1.78 8.08
N CYS A 181 -5.25 -1.14 7.08
CA CYS A 181 -5.66 -1.32 5.69
C CYS A 181 -5.61 -2.78 5.24
N ILE A 182 -4.56 -3.50 5.58
CA ILE A 182 -4.43 -4.90 5.15
C ILE A 182 -5.47 -5.77 5.84
N VAL A 183 -5.65 -5.58 7.16
N VAL A 183 -5.65 -5.62 7.15
CA VAL A 183 -6.54 -6.46 7.92
CA VAL A 183 -6.56 -6.48 7.90
C VAL A 183 -7.95 -5.87 7.94
C VAL A 183 -7.98 -5.90 7.93
N SER A 184 -8.60 -5.76 6.76
CA SER A 184 -9.94 -5.16 6.67
C SER A 184 -11.02 -6.25 6.55
N PRO A 185 -12.00 -6.32 7.46
CA PRO A 185 -12.97 -7.44 7.44
C PRO A 185 -14.02 -7.36 6.34
N ASP A 186 -14.13 -6.24 5.64
CA ASP A 186 -15.16 -6.12 4.62
C ASP A 186 -14.67 -6.42 3.21
N ARG A 187 -13.43 -6.87 3.04
CA ARG A 187 -12.97 -7.16 1.69
C ARG A 187 -13.79 -8.28 1.09
N PRO A 188 -14.08 -8.22 -0.22
CA PRO A 188 -14.86 -9.29 -0.85
C PRO A 188 -14.15 -10.62 -0.75
N GLY A 189 -14.92 -11.66 -0.44
CA GLY A 189 -14.41 -13.01 -0.36
C GLY A 189 -13.81 -13.40 0.96
N VAL A 190 -13.74 -12.49 1.94
CA VAL A 190 -13.29 -12.88 3.27
C VAL A 190 -14.25 -13.91 3.84
N GLN A 191 -13.69 -14.96 4.44
CA GLN A 191 -14.50 -16.02 5.06
C GLN A 191 -14.66 -15.80 6.56
N ASP A 192 -13.56 -15.77 7.31
CA ASP A 192 -13.63 -15.56 8.76
C ASP A 192 -13.59 -14.07 9.08
N ALA A 193 -14.67 -13.39 8.69
CA ALA A 193 -14.73 -11.94 8.89
C ALA A 193 -14.67 -11.57 10.37
N LYS A 194 -15.19 -12.42 11.25
CA LYS A 194 -15.12 -12.10 12.69
C LYS A 194 -13.69 -12.08 13.20
N LEU A 195 -12.84 -13.01 12.77
CA LEU A 195 -11.45 -13.00 13.23
C LEU A 195 -10.66 -11.84 12.62
N VAL A 196 -10.88 -11.56 11.33
CA VAL A 196 -10.26 -10.40 10.71
C VAL A 196 -10.62 -9.12 11.47
N GLU A 197 -11.90 -8.98 11.80
CA GLU A 197 -12.33 -7.78 12.51
C GLU A 197 -11.70 -7.72 13.90
N ALA A 198 -11.56 -8.86 14.58
CA ALA A 198 -10.95 -8.85 15.90
C ALA A 198 -9.49 -8.44 15.84
N ILE A 199 -8.74 -8.91 14.84
CA ILE A 199 -7.37 -8.44 14.67
C ILE A 199 -7.34 -6.96 14.34
N GLN A 200 -8.21 -6.50 13.45
CA GLN A 200 -8.18 -5.09 13.08
C GLN A 200 -8.54 -4.20 14.27
N ASP A 201 -9.49 -4.64 15.12
CA ASP A 201 -9.89 -3.84 16.26
C ASP A 201 -8.74 -3.63 17.23
N ARG A 202 -7.90 -4.64 17.40
CA ARG A 202 -6.74 -4.46 18.27
C ARG A 202 -5.80 -3.39 17.72
N LEU A 203 -5.62 -3.36 16.38
CA LEU A 203 -4.80 -2.31 15.76
C LEU A 203 -5.47 -0.95 15.79
N SER A 204 -6.79 -0.90 15.53
CA SER A 204 -7.50 0.37 15.56
C SER A 204 -7.45 1.00 16.95
N ASN A 205 -7.71 0.21 17.99
CA ASN A 205 -7.62 0.73 19.35
C ASN A 205 -6.18 1.13 19.71
N THR A 206 -5.18 0.41 19.20
CA THR A 206 -3.80 0.86 19.40
C THR A 206 -3.61 2.25 18.80
N LEU A 207 -4.06 2.45 17.56
CA LEU A 207 -3.91 3.73 16.89
C LEU A 207 -4.65 4.83 17.62
N GLN A 208 -5.93 4.62 17.96
CA GLN A 208 -6.71 5.64 18.65
C GLN A 208 -6.04 6.03 19.97
N THR A 209 -5.49 5.04 20.70
CA THR A 209 -4.87 5.34 21.99
C THR A 209 -3.52 6.03 21.79
N TYR A 210 -2.77 5.62 20.76
CA TYR A 210 -1.53 6.31 20.41
C TYR A 210 -1.78 7.79 20.14
N ILE A 211 -2.78 8.11 19.30
CA ILE A 211 -3.07 9.50 18.97
C ILE A 211 -3.38 10.29 20.24
N ARG A 212 -4.21 9.71 21.11
CA ARG A 212 -4.69 10.43 22.30
C ARG A 212 -3.55 10.64 23.30
N CYS A 213 -2.63 9.67 23.41
CA CYS A 213 -1.55 9.69 24.41
C CYS A 213 -0.25 10.32 23.91
N ARG A 214 0.05 10.22 22.64
CA ARG A 214 1.38 10.55 22.14
C ARG A 214 1.44 11.58 21.02
N HIS A 215 0.29 11.97 20.42
CA HIS A 215 0.32 12.97 19.35
C HIS A 215 -0.12 14.31 19.89
N PRO A 216 0.77 15.29 20.02
CA PRO A 216 0.37 16.53 20.69
C PRO A 216 -0.53 17.38 19.80
N PRO A 217 -1.40 18.17 20.40
CA PRO A 217 -2.20 19.09 19.60
C PRO A 217 -1.32 20.21 19.07
N PRO A 218 -1.76 20.89 18.00
CA PRO A 218 -3.01 20.71 17.26
C PRO A 218 -3.00 19.60 16.21
N GLY A 219 -1.86 18.94 16.01
CA GLY A 219 -1.78 17.91 14.98
C GLY A 219 -2.69 16.71 15.21
N SER A 220 -3.06 16.45 16.45
CA SER A 220 -3.93 15.34 16.78
C SER A 220 -5.39 15.62 16.52
N HIS A 221 -5.77 16.87 16.20
CA HIS A 221 -7.18 17.24 16.09
C HIS A 221 -7.85 16.39 15.01
N GLN A 222 -8.80 15.56 15.44
N GLN A 222 -8.83 15.57 15.42
CA GLN A 222 -9.60 14.70 14.56
CA GLN A 222 -9.60 14.76 14.49
C GLN A 222 -8.71 13.81 13.70
C GLN A 222 -8.73 13.78 13.70
N LEU A 223 -7.51 13.51 14.19
CA LEU A 223 -6.56 12.78 13.36
C LEU A 223 -7.04 11.37 13.04
N TYR A 224 -7.65 10.68 14.00
CA TYR A 224 -8.10 9.31 13.72
C TYR A 224 -9.17 9.30 12.64
N ALA A 225 -10.12 10.23 12.71
CA ALA A 225 -11.13 10.29 11.66
C ALA A 225 -10.50 10.67 10.32
N LYS A 226 -9.49 11.54 10.34
CA LYS A 226 -8.88 11.88 9.06
C LYS A 226 -8.14 10.67 8.46
N MET A 227 -7.56 9.83 9.31
CA MET A 227 -6.86 8.64 8.84
C MET A 227 -7.84 7.62 8.27
N ILE A 228 -8.98 7.41 8.94
CA ILE A 228 -10.01 6.55 8.39
C ILE A 228 -10.54 7.09 7.08
N GLN A 229 -10.65 8.42 6.96
CA GLN A 229 -11.02 8.97 5.67
C GLN A 229 -10.02 8.60 4.56
N LYS A 230 -8.71 8.58 4.86
CA LYS A 230 -7.75 8.11 3.86
C LYS A 230 -7.99 6.66 3.47
N LEU A 231 -8.50 5.82 4.38
CA LEU A 231 -8.82 4.44 4.02
C LEU A 231 -10.02 4.38 3.09
N ALA A 232 -10.99 5.28 3.28
CA ALA A 232 -12.11 5.34 2.33
C ALA A 232 -11.63 5.87 0.99
N ASP A 233 -10.71 6.86 0.99
CA ASP A 233 -10.21 7.36 -0.28
C ASP A 233 -9.49 6.24 -1.03
N LEU A 234 -8.76 5.43 -0.30
CA LEU A 234 -8.05 4.30 -0.90
C LEU A 234 -8.99 3.29 -1.58
N ARG A 235 -10.16 3.02 -1.01
CA ARG A 235 -11.12 2.12 -1.68
C ARG A 235 -11.51 2.66 -3.04
N SER A 236 -11.76 3.98 -3.11
CA SER A 236 -12.09 4.58 -4.39
C SER A 236 -10.93 4.47 -5.38
N LEU A 237 -9.70 4.75 -4.91
CA LEU A 237 -8.53 4.61 -5.76
C LEU A 237 -8.35 3.17 -6.21
N ASN A 238 -8.62 2.21 -5.31
CA ASN A 238 -8.47 0.78 -5.65
C ASN A 238 -9.45 0.41 -6.76
N GLU A 239 -10.71 0.85 -6.63
CA GLU A 239 -11.70 0.51 -7.65
C GLU A 239 -11.31 1.12 -9.00
N GLU A 240 -10.83 2.37 -9.00
CA GLU A 240 -10.43 2.96 -10.28
C GLU A 240 -9.21 2.26 -10.85
N HIS A 241 -8.21 1.98 -9.99
CA HIS A 241 -7.04 1.24 -10.46
C HIS A 241 -7.45 -0.08 -11.11
N SER A 242 -8.34 -0.82 -10.46
CA SER A 242 -8.71 -2.12 -11.03
C SER A 242 -9.44 -1.98 -12.36
N LYS A 243 -10.30 -0.96 -12.49
CA LYS A 243 -10.94 -0.67 -13.77
C LYS A 243 -9.89 -0.40 -14.86
N GLN A 244 -8.90 0.46 -14.55
CA GLN A 244 -7.93 0.80 -15.58
C GLN A 244 -6.96 -0.35 -15.83
N TYR A 245 -6.63 -1.09 -14.78
CA TYR A 245 -5.80 -2.29 -14.94
C TYR A 245 -6.48 -3.30 -15.84
N ARG A 246 -7.78 -3.53 -15.65
CA ARG A 246 -8.49 -4.47 -16.52
C ARG A 246 -8.46 -4.02 -17.98
N SER A 247 -8.64 -2.72 -18.20
CA SER A 247 -8.64 -2.19 -19.57
C SER A 247 -7.27 -2.35 -20.20
N LEU A 248 -6.22 -2.02 -19.45
CA LEU A 248 -4.89 -2.09 -20.02
C LEU A 248 -4.44 -3.53 -20.22
N SER A 249 -4.68 -4.41 -19.23
CA SER A 249 -4.22 -5.80 -19.30
C SER A 249 -5.05 -6.66 -20.26
N PHE A 250 -6.23 -6.19 -20.65
CA PHE A 250 -7.02 -6.88 -21.68
C PHE A 250 -6.33 -6.89 -23.04
N GLN A 251 -5.43 -5.95 -23.29
CA GLN A 251 -4.68 -5.92 -24.54
C GLN A 251 -3.45 -6.80 -24.37
N PRO A 252 -3.31 -7.88 -25.12
CA PRO A 252 -2.22 -8.84 -24.81
C PRO A 252 -0.83 -8.24 -24.93
N GLU A 253 -0.64 -7.27 -25.83
CA GLU A 253 0.65 -6.59 -25.94
C GLU A 253 1.04 -5.92 -24.62
N ASN A 254 0.07 -5.38 -23.87
CA ASN A 254 0.39 -4.80 -22.57
C ASN A 254 0.61 -5.87 -21.52
N SER A 255 -0.25 -6.91 -21.51
CA SER A 255 -0.07 -8.01 -20.55
C SER A 255 1.33 -8.62 -20.64
N MET A 256 1.88 -8.70 -21.85
CA MET A 256 3.23 -9.26 -22.03
C MET A 256 4.28 -8.49 -21.26
N LYS A 257 4.02 -7.21 -20.97
CA LYS A 257 4.99 -6.39 -20.26
C LYS A 257 4.80 -6.42 -18.75
N LEU A 258 3.74 -7.06 -18.27
CA LEU A 258 3.57 -7.19 -16.82
C LEU A 258 4.48 -8.29 -16.27
N THR A 259 4.37 -8.54 -14.98
CA THR A 259 5.14 -9.63 -14.39
C THR A 259 4.21 -10.76 -13.97
N PRO A 260 4.75 -11.95 -13.75
CA PRO A 260 3.87 -13.04 -13.28
C PRO A 260 3.17 -12.71 -11.95
N LEU A 261 3.90 -12.11 -11.01
CA LEU A 261 3.30 -11.74 -9.72
C LEU A 261 2.20 -10.71 -9.87
N VAL A 262 2.42 -9.68 -10.70
CA VAL A 262 1.37 -8.68 -10.94
C VAL A 262 0.15 -9.35 -11.55
N LEU A 263 0.37 -10.30 -12.49
CA LEU A 263 -0.80 -10.94 -13.10
C LEU A 263 -1.55 -11.78 -12.07
N GLU A 264 -0.81 -12.46 -11.18
CA GLU A 264 -1.49 -13.25 -10.16
C GLU A 264 -2.27 -12.36 -9.20
N VAL A 265 -1.69 -11.25 -8.79
CA VAL A 265 -2.30 -10.42 -7.75
C VAL A 265 -3.44 -9.58 -8.31
N PHE A 266 -3.24 -8.95 -9.48
CA PHE A 266 -4.24 -8.02 -10.01
C PHE A 266 -5.14 -8.64 -11.07
N GLY A 267 -4.80 -9.83 -11.56
CA GLY A 267 -5.74 -10.53 -12.41
C GLY A 267 -5.19 -10.72 -13.80
N ASN A 268 -5.74 -11.70 -14.51
CA ASN A 268 -5.31 -12.08 -15.84
C ASN A 268 -6.50 -12.14 -16.78
N LYS B 1 -7.88 -19.35 -9.57
CA LYS B 1 -7.80 -19.15 -8.12
C LYS B 1 -6.59 -19.91 -7.54
N ASN B 2 -5.70 -20.39 -8.40
CA ASN B 2 -4.41 -20.86 -7.91
C ASN B 2 -3.49 -19.67 -7.71
N HIS B 3 -3.09 -19.41 -6.47
CA HIS B 3 -2.16 -18.32 -6.20
C HIS B 3 -0.83 -18.89 -5.70
N PRO B 4 -0.10 -19.64 -6.54
CA PRO B 4 1.11 -20.29 -6.04
C PRO B 4 2.20 -19.32 -5.65
N MET B 5 2.34 -18.18 -6.35
CA MET B 5 3.39 -17.26 -5.99
C MET B 5 3.08 -16.56 -4.68
N LEU B 6 1.84 -16.09 -4.53
CA LEU B 6 1.40 -15.51 -3.26
C LEU B 6 1.49 -16.53 -2.13
N MET B 7 0.96 -17.74 -2.34
CA MET B 7 1.06 -18.78 -1.33
C MET B 7 2.49 -18.99 -0.90
N ASN B 8 3.42 -19.03 -1.87
CA ASN B 8 4.81 -19.30 -1.56
C ASN B 8 5.45 -18.14 -0.79
N LEU B 9 5.12 -16.90 -1.17
CA LEU B 9 5.63 -15.76 -0.42
C LEU B 9 5.03 -15.66 0.98
N LEU B 10 3.85 -16.25 1.20
CA LEU B 10 3.22 -16.25 2.52
C LEU B 10 3.76 -17.33 3.43
N LYS B 11 4.60 -18.22 2.90
CA LYS B 11 5.28 -19.35 3.55
C LYS B 11 4.72 -20.66 3.01
#